data_4E0Z
#
_entry.id   4E0Z
#
_cell.length_a   117.273
_cell.length_b   120.390
_cell.length_c   58.719
_cell.angle_alpha   90.00
_cell.angle_beta   112.46
_cell.angle_gamma   90.00
#
_symmetry.space_group_name_H-M   'C 1 2 1'
#
loop_
_entity.id
_entity.type
_entity.pdbx_description
1 polymer Protelomerase
2 polymer "DNA (5'-D(*CP*AP*TP*AP*AP*TP*AP*AP*CP*AP*AP*TP*A)-3')"
3 polymer "DNA (5'-D(*TP*CP*A*TP*GP*AP*TP*AP*TP*TP*GP*TP*TP*AP*TP*TP*AP*TP*G)-3')"
4 non-polymer GLYCEROL
5 non-polymer "THYMIDINE-5'-PHOSPHATE"
6 water water
#
loop_
_entity_poly.entity_id
_entity_poly.type
_entity_poly.pdbx_seq_one_letter_code
_entity_poly.pdbx_strand_id
1 'polypeptide(L)'
;MGSSHHHHHHSSGLVPRGSHMLAAKRKTKTPVLVERIDQFVGQIKEAMKSDDASRNRKIRDLWDAEVRYHFDNGRTEKTL
ELYIMKYRNALKAEFGPKSTPLAICNMKKLRERLNTYIARGDYPKTGVATSIVEKIERAEFNTAGRKPTVLLRIADFIAA
MNGMDAKQDMQALWDAEIAIMNGRAQTTIISYITKYRNAIREAFGDDHPMLKIATGDAAMYDEAARVKMEKIANKHGALI
TFENYRQVLKICEDCLKSSDPLMIGIGLIGMTGRRPYEVFTQAEFSPAPYGKGVSKWSILFNGQAKTKQGEGTKFGITYE
IPVLTRSETVLAAYKRLRESGQGKLWHGMSIDDFSSETRLLLRDTVFNLFEDVWPKEELPKPYGLRHLYAEVAYHNFAPP
HVTKNSYFAAILGHNNNDLETSLS(PTR)MTYTLPEDRDNALARLKRTNERTLQQMATIAPVSRKG
;
A
2 'polydeoxyribonucleotide' (DC)(DA)(DT)(DA)(DA)(DT)(DA)(DA)(DC)(DA)(DA)(DT)(DA) C
3 'polydeoxyribonucleotide' (DT)(DC)(DA)(DT)(DG)(DA)(DT)(DA)(DT)(DT)(DG)(DT)(DT)(DA)(DT)(DT)(DA)(DT)(DG) D
#
loop_
_chem_comp.id
_chem_comp.type
_chem_comp.name
_chem_comp.formula
DA DNA linking 2'-DEOXYADENOSINE-5'-MONOPHOSPHATE 'C10 H14 N5 O6 P'
DC DNA linking 2'-DEOXYCYTIDINE-5'-MONOPHOSPHATE 'C9 H14 N3 O7 P'
DG DNA linking 2'-DEOXYGUANOSINE-5'-MONOPHOSPHATE 'C10 H14 N5 O7 P'
DT DNA linking THYMIDINE-5'-MONOPHOSPHATE 'C10 H15 N2 O8 P'
GOL non-polymer GLYCEROL 'C3 H8 O3'
TMP non-polymer THYMIDINE-5'-PHOSPHATE 'C10 H15 N2 O8 P'
#
# COMPACT_ATOMS: atom_id res chain seq x y z
N TYR A 123 32.54 7.33 -10.96
CA TYR A 123 31.20 6.80 -11.15
C TYR A 123 30.04 7.32 -10.24
N PRO A 124 30.24 8.36 -9.41
CA PRO A 124 31.37 9.12 -8.87
C PRO A 124 31.65 8.71 -7.43
N LYS A 125 32.63 9.35 -6.80
CA LYS A 125 32.97 9.05 -5.42
C LYS A 125 32.38 10.04 -4.40
N THR A 126 31.68 11.06 -4.89
CA THR A 126 31.08 12.07 -3.98
C THR A 126 29.58 12.20 -4.16
N GLY A 127 28.88 12.73 -3.15
CA GLY A 127 27.47 12.98 -3.28
C GLY A 127 26.67 12.93 -1.98
N VAL A 128 25.42 13.35 -2.07
CA VAL A 128 24.57 13.54 -0.90
C VAL A 128 23.21 12.92 -1.10
N ALA A 129 22.69 12.28 -0.06
CA ALA A 129 21.32 11.78 -0.09
C ALA A 129 20.47 12.85 0.56
N THR A 130 20.03 13.79 -0.27
CA THR A 130 19.35 14.99 0.20
C THR A 130 18.05 14.76 0.99
N SER A 131 17.20 13.84 0.55
CA SER A 131 15.97 13.54 1.28
C SER A 131 16.21 13.19 2.77
N ILE A 132 17.23 12.34 3.00
CA ILE A 132 17.63 11.98 4.36
C ILE A 132 18.02 13.21 5.14
N VAL A 133 18.92 14.01 4.57
CA VAL A 133 19.41 15.23 5.22
C VAL A 133 18.30 16.24 5.58
N GLU A 134 17.37 16.49 4.66
CA GLU A 134 16.24 17.37 4.96
C GLU A 134 15.44 16.82 6.15
N LYS A 135 15.21 15.51 6.15
CA LYS A 135 14.52 14.93 7.29
C LYS A 135 15.27 15.15 8.62
N ILE A 136 16.59 15.03 8.59
CA ILE A 136 17.39 15.21 9.81
C ILE A 136 17.33 16.67 10.31
N GLU A 137 17.40 17.58 9.35
CA GLU A 137 17.40 19.01 9.61
C GLU A 137 16.06 19.46 10.19
N ARG A 138 14.97 18.98 9.62
CA ARG A 138 13.66 19.27 10.18
C ARG A 138 13.49 18.65 11.58
N ALA A 139 13.98 17.44 11.76
CA ALA A 139 13.88 16.77 13.06
C ALA A 139 14.69 17.50 14.13
N GLU A 140 15.67 18.29 13.71
CA GLU A 140 16.55 19.01 14.65
C GLU A 140 15.79 19.80 15.71
N PHE A 141 14.62 20.32 15.36
CA PHE A 141 13.84 21.07 16.33
C PHE A 141 12.36 20.69 16.45
N ASN A 142 12.12 19.39 16.65
CA ASN A 142 10.83 18.90 17.09
C ASN A 142 10.72 19.15 18.61
N THR A 143 9.51 19.21 19.12
CA THR A 143 9.29 19.49 20.53
C THR A 143 8.84 18.22 21.25
N ALA A 144 9.01 17.10 20.56
CA ALA A 144 8.64 15.78 21.06
C ALA A 144 9.15 14.74 20.08
N GLY A 145 9.30 13.50 20.54
CA GLY A 145 9.52 12.39 19.64
C GLY A 145 10.89 11.77 19.73
N ARG A 146 10.95 10.51 19.31
CA ARG A 146 12.17 9.71 19.19
C ARG A 146 13.25 10.43 18.37
N LYS A 147 14.51 10.10 18.66
CA LYS A 147 15.62 10.58 17.84
C LYS A 147 15.64 9.85 16.51
N PRO A 148 16.05 10.55 15.45
CA PRO A 148 16.19 9.93 14.12
C PRO A 148 17.51 9.14 13.98
N THR A 149 17.78 8.23 14.91
CA THR A 149 19.03 7.47 14.90
C THR A 149 19.32 6.69 13.60
N VAL A 150 18.29 6.10 13.00
CA VAL A 150 18.50 5.33 11.77
C VAL A 150 18.89 6.24 10.62
N LEU A 151 18.16 7.35 10.50
CA LEU A 151 18.41 8.29 9.42
C LEU A 151 19.79 8.91 9.63
N LEU A 152 20.19 9.09 10.89
CA LEU A 152 21.53 9.62 11.18
C LEU A 152 22.61 8.62 10.76
N ARG A 153 22.36 7.32 11.00
CA ARG A 153 23.31 6.27 10.58
C ARG A 153 23.49 6.27 9.08
N ILE A 154 22.37 6.27 8.38
CA ILE A 154 22.37 6.38 6.93
C ILE A 154 23.14 7.63 6.44
N ALA A 155 22.83 8.78 7.02
CA ALA A 155 23.48 10.04 6.70
C ALA A 155 25.00 9.96 6.83
N ASP A 156 25.47 9.40 7.95
CA ASP A 156 26.90 9.20 8.20
C ASP A 156 27.54 8.15 7.28
N PHE A 157 26.76 7.14 6.90
CA PHE A 157 27.27 6.09 6.04
C PHE A 157 27.54 6.69 4.65
N ILE A 158 26.56 7.41 4.11
CA ILE A 158 26.75 8.13 2.85
C ILE A 158 27.92 9.11 2.96
N ALA A 159 28.09 9.72 4.13
CA ALA A 159 29.20 10.67 4.28
C ALA A 159 30.52 9.93 4.17
N ALA A 160 30.66 8.89 4.96
CA ALA A 160 31.89 8.09 4.99
C ALA A 160 32.26 7.48 3.63
N MET A 161 31.26 7.20 2.80
CA MET A 161 31.48 6.79 1.41
C MET A 161 32.15 7.84 0.53
N ASN A 162 32.10 9.11 0.93
CA ASN A 162 32.62 10.16 0.09
C ASN A 162 34.15 10.07 -0.04
N GLY A 163 34.64 9.92 -1.27
CA GLY A 163 36.06 9.76 -1.52
C GLY A 163 36.56 8.32 -1.51
N MET A 164 35.65 7.39 -1.27
CA MET A 164 36.02 6.00 -1.09
C MET A 164 36.02 5.29 -2.43
N ASP A 165 37.10 4.53 -2.70
CA ASP A 165 37.35 3.99 -4.02
C ASP A 165 37.64 2.49 -3.98
N ALA A 166 38.17 2.01 -2.85
CA ALA A 166 38.52 0.61 -2.69
C ALA A 166 37.29 -0.24 -2.29
N LYS A 167 37.09 -1.38 -2.94
CA LYS A 167 35.91 -2.20 -2.65
C LYS A 167 35.97 -2.79 -1.25
N GLN A 168 37.17 -3.04 -0.75
CA GLN A 168 37.31 -3.61 0.57
C GLN A 168 36.92 -2.60 1.62
N ASP A 169 37.21 -1.33 1.36
CA ASP A 169 36.78 -0.26 2.25
C ASP A 169 35.26 -0.26 2.31
N MET A 170 34.63 -0.21 1.14
CA MET A 170 33.17 -0.26 1.03
C MET A 170 32.55 -1.43 1.77
N GLN A 171 33.17 -2.60 1.64
CA GLN A 171 32.67 -3.82 2.27
C GLN A 171 32.78 -3.73 3.79
N ALA A 172 33.86 -3.10 4.26
CA ALA A 172 34.07 -2.94 5.69
C ALA A 172 33.01 -2.00 6.29
N LEU A 173 32.69 -0.96 5.53
CA LEU A 173 31.71 0.02 5.99
C LEU A 173 30.31 -0.64 6.06
N TRP A 174 29.96 -1.38 5.02
CA TRP A 174 28.66 -2.07 5.03
C TRP A 174 28.60 -3.07 6.16
N ASP A 175 29.70 -3.79 6.37
CA ASP A 175 29.74 -4.79 7.42
C ASP A 175 29.46 -4.17 8.76
N ALA A 176 30.08 -3.04 9.02
CA ALA A 176 29.82 -2.30 10.26
C ALA A 176 28.34 -2.01 10.41
N GLU A 177 27.76 -1.47 9.33
CA GLU A 177 26.32 -1.22 9.32
C GLU A 177 25.47 -2.46 9.69
N ILE A 178 25.55 -3.51 8.87
CA ILE A 178 24.87 -4.79 9.14
C ILE A 178 25.02 -5.21 10.60
N ALA A 179 26.22 -5.06 11.16
CA ALA A 179 26.42 -5.44 12.55
C ALA A 179 25.55 -4.62 13.52
N ILE A 180 25.47 -3.30 13.31
CA ILE A 180 24.54 -2.46 14.10
C ILE A 180 23.09 -2.98 14.10
N MET A 181 22.64 -3.43 12.93
CA MET A 181 21.26 -3.78 12.68
C MET A 181 20.85 -5.08 13.33
N ASN A 182 21.79 -5.79 13.91
CA ASN A 182 21.46 -7.12 14.39
C ASN A 182 20.70 -6.99 15.68
N GLY A 183 19.73 -7.87 15.85
CA GLY A 183 18.80 -7.74 16.96
C GLY A 183 17.46 -7.21 16.50
N ARG A 184 17.41 -6.69 15.28
CA ARG A 184 16.13 -6.29 14.69
C ARG A 184 15.44 -7.49 14.01
N ALA A 185 14.14 -7.36 13.75
CA ALA A 185 13.41 -8.39 13.03
C ALA A 185 13.98 -8.54 11.61
N GLN A 186 13.85 -9.74 11.02
CA GLN A 186 14.24 -9.93 9.63
C GLN A 186 13.56 -8.91 8.72
N THR A 187 12.29 -8.62 9.02
CA THR A 187 11.47 -7.85 8.11
C THR A 187 11.90 -6.40 8.19
N THR A 188 12.29 -6.03 9.41
CA THR A 188 12.89 -4.72 9.72
C THR A 188 14.19 -4.54 8.95
N ILE A 189 15.13 -5.46 9.19
CA ILE A 189 16.42 -5.50 8.49
C ILE A 189 16.29 -5.35 6.96
N ILE A 190 15.38 -6.09 6.37
CA ILE A 190 15.15 -5.99 4.93
C ILE A 190 14.72 -4.56 4.54
N SER A 191 13.72 -4.03 5.26
CA SER A 191 13.28 -2.64 5.05
C SER A 191 14.42 -1.62 5.16
N TYR A 192 15.26 -1.79 6.19
CA TYR A 192 16.42 -0.90 6.36
C TYR A 192 17.38 -1.01 5.16
N ILE A 193 17.69 -2.23 4.71
CA ILE A 193 18.55 -2.38 3.53
C ILE A 193 17.98 -1.60 2.36
N THR A 194 16.65 -1.61 2.22
CA THR A 194 16.01 -0.72 1.22
C THR A 194 16.31 0.77 1.49
N LYS A 195 16.32 1.16 2.76
CA LYS A 195 16.53 2.57 3.06
C LYS A 195 17.95 3.01 2.62
N TYR A 196 18.93 2.24 3.06
CA TYR A 196 20.31 2.43 2.65
C TYR A 196 20.50 2.43 1.13
N ARG A 197 19.94 1.42 0.44
CA ARG A 197 20.18 1.28 -1.01
C ARG A 197 19.57 2.46 -1.77
N ASN A 198 18.39 2.87 -1.31
CA ASN A 198 17.73 4.03 -1.87
C ASN A 198 18.60 5.29 -1.64
N ALA A 199 19.25 5.37 -0.49
CA ALA A 199 20.15 6.51 -0.25
C ALA A 199 21.40 6.51 -1.15
N ILE A 200 22.03 5.35 -1.31
CA ILE A 200 23.20 5.21 -2.18
C ILE A 200 22.82 5.61 -3.60
N ARG A 201 21.67 5.13 -4.04
CA ARG A 201 21.20 5.45 -5.38
C ARG A 201 20.95 6.96 -5.49
N GLU A 202 20.30 7.53 -4.48
CA GLU A 202 20.08 8.95 -4.48
C GLU A 202 21.35 9.76 -4.58
N ALA A 203 22.36 9.38 -3.80
CA ALA A 203 23.56 10.19 -3.59
C ALA A 203 24.60 10.05 -4.69
N PHE A 204 24.74 8.83 -5.21
CA PHE A 204 25.80 8.48 -6.17
C PHE A 204 25.29 7.92 -7.50
N GLY A 205 24.00 7.62 -7.63
CA GLY A 205 23.48 7.02 -8.84
C GLY A 205 23.43 5.51 -8.88
N ASP A 206 23.09 4.96 -10.06
CA ASP A 206 22.78 3.53 -10.23
C ASP A 206 23.99 2.65 -10.51
N ASP A 207 25.11 3.30 -10.77
CA ASP A 207 26.31 2.60 -11.19
C ASP A 207 27.31 2.44 -10.06
N HIS A 208 26.98 2.91 -8.87
CA HIS A 208 27.94 2.81 -7.78
C HIS A 208 28.13 1.38 -7.28
N PRO A 209 29.39 0.93 -7.20
CA PRO A 209 29.76 -0.45 -6.82
C PRO A 209 29.28 -0.83 -5.43
N MET A 210 28.82 0.14 -4.65
CA MET A 210 28.34 -0.18 -3.32
C MET A 210 26.98 -0.90 -3.40
N LEU A 211 26.26 -0.67 -4.49
CA LEU A 211 24.97 -1.34 -4.75
C LEU A 211 25.06 -2.88 -4.93
N LYS A 212 26.25 -3.38 -5.25
CA LYS A 212 26.52 -4.82 -5.31
C LYS A 212 26.95 -5.34 -3.92
N ILE A 213 27.39 -4.42 -3.07
CA ILE A 213 27.85 -4.80 -1.74
C ILE A 213 26.76 -4.68 -0.68
N ALA A 214 26.06 -3.53 -0.67
CA ALA A 214 25.00 -3.25 0.32
C ALA A 214 23.70 -3.94 -0.04
N THR A 215 23.58 -5.18 0.37
CA THR A 215 22.44 -5.99 0.00
C THR A 215 22.38 -7.12 1.03
N GLY A 216 21.18 -7.65 1.27
CA GLY A 216 21.10 -8.82 2.12
C GLY A 216 21.55 -9.97 1.26
N ASP A 217 21.87 -11.10 1.89
CA ASP A 217 22.25 -12.28 1.11
C ASP A 217 21.01 -13.01 0.56
N ALA A 218 21.20 -13.91 -0.40
CA ALA A 218 20.09 -14.59 -1.05
C ALA A 218 19.25 -15.35 -0.01
N ALA A 219 19.91 -15.86 1.03
CA ALA A 219 19.24 -16.67 2.04
C ALA A 219 18.17 -15.91 2.77
N MET A 220 18.47 -14.68 3.18
CA MET A 220 17.49 -13.83 3.87
C MET A 220 16.20 -13.59 3.06
N TYR A 221 16.36 -13.25 1.78
CA TYR A 221 15.20 -13.06 0.91
C TYR A 221 14.42 -14.35 0.68
N ASP A 222 15.14 -15.43 0.43
CA ASP A 222 14.49 -16.73 0.28
C ASP A 222 13.62 -17.03 1.53
N GLU A 223 14.22 -16.93 2.71
CA GLU A 223 13.49 -17.17 3.96
C GLU A 223 12.28 -16.25 4.13
N ALA A 224 12.48 -14.96 3.90
CA ALA A 224 11.38 -13.99 3.90
C ALA A 224 10.18 -14.52 3.12
N ALA A 225 10.47 -14.98 1.91
CA ALA A 225 9.46 -15.49 0.99
C ALA A 225 8.80 -16.78 1.52
N ARG A 226 9.58 -17.59 2.18
CA ARG A 226 9.03 -18.82 2.75
C ARG A 226 8.00 -18.45 3.83
N VAL A 227 8.38 -17.55 4.72
CA VAL A 227 7.46 -17.09 5.78
C VAL A 227 6.15 -16.48 5.18
N LYS A 228 6.31 -15.50 4.30
CA LYS A 228 5.16 -14.95 3.60
C LYS A 228 4.23 -16.04 3.07
N MET A 229 4.80 -16.94 2.30
CA MET A 229 3.98 -17.93 1.63
C MET A 229 3.27 -18.84 2.61
N GLU A 230 3.94 -19.23 3.70
CA GLU A 230 3.32 -20.04 4.75
C GLU A 230 2.09 -19.35 5.41
N LYS A 231 2.28 -18.09 5.84
CA LYS A 231 1.13 -17.34 6.35
C LYS A 231 -0.01 -17.32 5.36
N ILE A 232 0.27 -16.96 4.10
CA ILE A 232 -0.82 -16.97 3.11
C ILE A 232 -1.49 -18.35 3.06
N ALA A 233 -0.72 -19.42 3.02
CA ALA A 233 -1.36 -20.72 2.84
C ALA A 233 -2.29 -21.03 4.05
N ASN A 234 -1.90 -20.51 5.22
CA ASN A 234 -2.77 -20.60 6.37
C ASN A 234 -4.06 -19.83 6.17
N LYS A 235 -3.98 -18.66 5.52
CA LYS A 235 -5.20 -17.89 5.22
C LYS A 235 -6.11 -18.73 4.33
N HIS A 236 -5.53 -19.29 3.27
CA HIS A 236 -6.30 -19.97 2.26
C HIS A 236 -6.99 -21.16 2.81
N GLY A 237 -6.37 -21.74 3.84
CA GLY A 237 -6.94 -22.89 4.49
C GLY A 237 -8.05 -22.50 5.42
N ALA A 238 -8.04 -21.29 5.95
CA ALA A 238 -9.02 -20.90 6.98
C ALA A 238 -9.55 -19.48 6.79
N LEU A 239 -10.29 -19.28 5.71
CA LEU A 239 -10.86 -17.98 5.42
C LEU A 239 -11.74 -17.49 6.57
N ILE A 240 -11.81 -16.16 6.74
CA ILE A 240 -12.65 -15.53 7.78
C ILE A 240 -14.05 -15.21 7.27
N THR A 241 -15.08 -15.69 7.95
CA THR A 241 -16.42 -15.37 7.46
C THR A 241 -16.80 -13.96 7.89
N PHE A 242 -16.92 -13.08 6.90
CA PHE A 242 -17.22 -11.70 7.20
C PHE A 242 -18.74 -11.57 7.29
N GLU A 243 -19.26 -11.88 8.47
CA GLU A 243 -20.71 -12.00 8.67
C GLU A 243 -21.50 -10.70 8.45
N ASN A 244 -20.95 -9.57 8.90
CA ASN A 244 -21.64 -8.27 8.80
C ASN A 244 -21.16 -7.38 7.66
N TYR A 245 -20.68 -7.99 6.58
CA TYR A 245 -20.10 -7.23 5.48
C TYR A 245 -21.04 -6.13 4.91
N ARG A 246 -22.34 -6.41 4.87
CA ARG A 246 -23.33 -5.44 4.39
C ARG A 246 -23.33 -4.18 5.27
N GLN A 247 -23.37 -4.39 6.58
CA GLN A 247 -23.22 -3.27 7.51
C GLN A 247 -21.97 -2.43 7.18
N VAL A 248 -20.81 -3.08 7.10
CA VAL A 248 -19.54 -2.40 6.83
C VAL A 248 -19.59 -1.56 5.55
N LEU A 249 -20.14 -2.16 4.50
CA LEU A 249 -20.25 -1.41 3.25
C LEU A 249 -21.19 -0.23 3.39
N LYS A 250 -22.28 -0.37 4.15
CA LYS A 250 -23.19 0.77 4.30
C LYS A 250 -22.53 1.90 5.07
N ILE A 251 -21.81 1.54 6.12
CA ILE A 251 -21.00 2.48 6.88
C ILE A 251 -20.06 3.29 5.99
N CYS A 252 -19.39 2.61 5.07
CA CYS A 252 -18.53 3.32 4.11
C CYS A 252 -19.33 4.25 3.22
N GLU A 253 -20.53 3.78 2.83
CA GLU A 253 -21.40 4.59 1.99
C GLU A 253 -21.82 5.86 2.74
N ASP A 254 -22.15 5.69 4.02
CA ASP A 254 -22.57 6.79 4.89
C ASP A 254 -21.42 7.77 4.96
N CYS A 255 -20.19 7.25 5.08
CA CYS A 255 -18.97 8.08 5.11
C CYS A 255 -18.83 8.94 3.87
N LEU A 256 -19.26 8.45 2.73
CA LEU A 256 -19.22 9.30 1.52
C LEU A 256 -19.98 10.65 1.60
N LYS A 257 -20.85 10.84 2.59
CA LYS A 257 -21.65 12.08 2.68
C LYS A 257 -21.21 12.92 3.88
N SER A 258 -20.12 12.47 4.51
CA SER A 258 -19.56 13.17 5.67
C SER A 258 -18.86 14.44 5.21
N SER A 259 -18.86 15.48 6.03
CA SER A 259 -18.14 16.71 5.70
C SER A 259 -16.64 16.61 6.02
N ASP A 260 -16.30 15.66 6.89
CA ASP A 260 -14.91 15.37 7.28
C ASP A 260 -14.17 14.51 6.22
N PRO A 261 -13.16 15.09 5.53
CA PRO A 261 -12.54 14.41 4.38
C PRO A 261 -11.86 13.10 4.71
N LEU A 262 -11.47 12.92 5.97
CA LEU A 262 -10.91 11.64 6.40
C LEU A 262 -12.00 10.59 6.30
N MET A 263 -13.23 11.02 6.62
CA MET A 263 -14.38 10.13 6.58
C MET A 263 -14.71 9.74 5.15
N ILE A 264 -14.77 10.75 4.29
CA ILE A 264 -14.98 10.53 2.88
C ILE A 264 -13.95 9.54 2.35
N GLY A 265 -12.69 9.76 2.70
CA GLY A 265 -11.58 8.90 2.29
C GLY A 265 -11.74 7.45 2.68
N ILE A 266 -12.08 7.20 3.95
CA ILE A 266 -12.36 5.83 4.40
C ILE A 266 -13.44 5.24 3.49
N GLY A 267 -14.53 6.00 3.36
CA GLY A 267 -15.65 5.61 2.51
C GLY A 267 -15.24 5.16 1.12
N LEU A 268 -14.43 5.99 0.46
CA LEU A 268 -13.81 5.66 -0.82
C LEU A 268 -12.96 4.39 -0.84
N ILE A 269 -12.13 4.16 0.17
CA ILE A 269 -11.36 2.91 0.24
C ILE A 269 -12.30 1.71 0.24
N GLY A 270 -13.40 1.78 0.99
CA GLY A 270 -14.33 0.65 0.96
C GLY A 270 -15.13 0.49 -0.34
N MET A 271 -15.60 1.59 -0.89
CA MET A 271 -16.43 1.55 -2.08
C MET A 271 -15.64 1.37 -3.37
N THR A 272 -14.35 1.67 -3.34
CA THR A 272 -13.52 1.60 -4.56
C THR A 272 -12.35 0.61 -4.47
N GLY A 273 -11.98 0.23 -3.24
CA GLY A 273 -10.87 -0.66 -3.02
C GLY A 273 -9.49 -0.08 -3.37
N ARG A 274 -9.37 1.23 -3.46
CA ARG A 274 -8.03 1.79 -3.73
C ARG A 274 -7.28 1.83 -2.40
N ARG A 275 -5.97 1.95 -2.45
CA ARG A 275 -5.12 1.96 -1.26
C ARG A 275 -5.25 3.31 -0.64
N PRO A 276 -5.13 3.40 0.69
CA PRO A 276 -5.24 4.72 1.34
C PRO A 276 -4.40 5.78 0.65
N TYR A 277 -3.18 5.43 0.28
CA TYR A 277 -2.20 6.40 -0.24
C TYR A 277 -2.72 6.87 -1.59
N GLU A 278 -3.31 5.93 -2.31
CA GLU A 278 -3.95 6.24 -3.58
C GLU A 278 -5.12 7.22 -3.36
N VAL A 279 -6.12 6.82 -2.58
CA VAL A 279 -7.32 7.62 -2.36
C VAL A 279 -6.96 9.03 -1.89
N PHE A 280 -6.14 9.10 -0.85
CA PHE A 280 -5.85 10.38 -0.24
C PHE A 280 -4.95 11.31 -1.06
N THR A 281 -3.93 10.78 -1.75
CA THR A 281 -2.95 11.68 -2.34
C THR A 281 -2.84 11.79 -3.87
N GLN A 282 -3.26 10.78 -4.61
CA GLN A 282 -2.97 10.79 -6.04
C GLN A 282 -4.00 10.19 -6.99
N ALA A 283 -5.08 9.64 -6.45
CA ALA A 283 -6.14 9.03 -7.26
C ALA A 283 -6.85 9.99 -8.25
N GLU A 284 -7.05 9.52 -9.47
CA GLU A 284 -7.87 10.21 -10.45
C GLU A 284 -9.04 9.31 -10.74
N PHE A 285 -10.23 9.83 -10.50
CA PHE A 285 -11.42 9.08 -10.77
C PHE A 285 -12.16 9.79 -11.90
N SER A 286 -12.84 9.02 -12.73
CA SER A 286 -13.63 9.61 -13.80
C SER A 286 -14.81 8.69 -14.14
N PRO A 287 -15.82 9.23 -14.83
CA PRO A 287 -16.92 8.33 -15.19
C PRO A 287 -16.45 7.33 -16.23
N ALA A 288 -16.87 6.07 -16.10
CA ALA A 288 -16.62 5.08 -17.15
C ALA A 288 -17.84 5.02 -18.04
N PRO A 289 -17.65 5.17 -19.36
CA PRO A 289 -18.76 5.04 -20.31
C PRO A 289 -19.29 3.61 -20.38
N TYR A 290 -20.56 3.48 -20.72
CA TYR A 290 -21.20 2.19 -20.96
C TYR A 290 -21.98 2.38 -22.25
N GLY A 291 -21.34 2.06 -23.38
CA GLY A 291 -21.94 2.31 -24.66
C GLY A 291 -22.15 3.81 -24.84
N LYS A 292 -23.41 4.22 -24.92
CA LYS A 292 -23.77 5.63 -25.11
C LYS A 292 -23.94 6.37 -23.78
N GLY A 293 -24.02 5.62 -22.68
CA GLY A 293 -24.22 6.23 -21.38
C GLY A 293 -23.00 6.11 -20.48
N VAL A 294 -23.21 6.43 -19.21
CA VAL A 294 -22.16 6.34 -18.21
C VAL A 294 -22.38 5.10 -17.33
N SER A 295 -21.32 4.37 -17.04
CA SER A 295 -21.45 3.16 -16.26
C SER A 295 -21.93 3.45 -14.84
N LYS A 296 -22.87 2.64 -14.36
CA LYS A 296 -23.46 2.91 -13.07
C LYS A 296 -22.69 2.18 -11.97
N TRP A 297 -22.20 0.98 -12.28
CA TRP A 297 -21.49 0.18 -11.29
C TRP A 297 -19.95 0.21 -11.40
N SER A 298 -19.39 1.07 -12.26
CA SER A 298 -17.93 1.17 -12.45
C SER A 298 -17.43 2.56 -12.86
N ILE A 299 -16.16 2.84 -12.56
CA ILE A 299 -15.50 4.12 -12.89
C ILE A 299 -14.13 3.90 -13.50
N LEU A 300 -13.47 4.99 -13.87
CA LEU A 300 -12.10 4.94 -14.37
C LEU A 300 -11.18 5.41 -13.27
N PHE A 301 -10.05 4.72 -13.12
CA PHE A 301 -9.07 5.10 -12.12
C PHE A 301 -7.67 5.23 -12.70
N ASN A 302 -6.97 6.29 -12.32
CA ASN A 302 -5.54 6.44 -12.60
C ASN A 302 -4.75 6.76 -11.31
N GLY A 303 -3.51 6.29 -11.21
CA GLY A 303 -2.67 6.67 -10.09
C GLY A 303 -2.28 5.51 -9.21
N GLN A 304 -2.09 4.35 -9.84
CA GLN A 304 -1.75 3.10 -9.17
C GLN A 304 -0.42 3.29 -8.43
N ALA A 305 -0.39 2.92 -7.14
CA ALA A 305 0.88 2.95 -6.40
C ALA A 305 1.64 1.60 -6.38
N LYS A 306 2.80 1.58 -5.75
CA LYS A 306 3.71 0.43 -5.79
C LYS A 306 3.89 -0.10 -7.22
N THR A 307 4.34 0.75 -8.12
CA THR A 307 4.49 0.35 -9.51
C THR A 307 5.40 1.34 -10.25
N LYS A 308 6.44 0.81 -10.87
CA LYS A 308 7.27 1.63 -11.75
C LYS A 308 6.91 1.34 -13.18
N GLN A 309 7.20 2.32 -14.04
CA GLN A 309 7.05 2.17 -15.48
C GLN A 309 7.59 0.82 -15.97
N GLY A 310 6.92 0.22 -16.94
CA GLY A 310 7.29 -1.09 -17.44
C GLY A 310 6.06 -1.57 -18.17
N GLU A 311 6.21 -2.38 -19.21
CA GLU A 311 5.00 -2.83 -19.90
C GLU A 311 4.36 -3.91 -19.03
N GLY A 312 3.03 -4.00 -19.07
CA GLY A 312 2.31 -4.95 -18.24
C GLY A 312 2.27 -4.48 -16.80
N THR A 313 2.54 -3.19 -16.62
CA THR A 313 2.41 -2.50 -15.36
C THR A 313 1.29 -1.46 -15.56
N LYS A 314 0.54 -1.14 -14.51
CA LYS A 314 -0.56 -0.15 -14.60
C LYS A 314 -0.10 1.28 -14.20
N PHE A 315 1.22 1.47 -14.23
CA PHE A 315 1.81 2.79 -13.94
C PHE A 315 1.34 3.87 -14.92
N GLY A 316 0.74 4.94 -14.40
CA GLY A 316 0.22 6.01 -15.24
C GLY A 316 -0.81 5.56 -16.25
N ILE A 317 -1.35 4.36 -16.05
CA ILE A 317 -2.39 3.78 -16.91
C ILE A 317 -3.79 3.99 -16.31
N THR A 318 -4.74 4.40 -17.14
CA THR A 318 -6.10 4.52 -16.65
C THR A 318 -6.89 3.27 -17.00
N TYR A 319 -7.71 2.82 -16.06
CA TYR A 319 -8.39 1.56 -16.22
C TYR A 319 -9.63 1.45 -15.34
N GLU A 320 -10.61 0.75 -15.90
CA GLU A 320 -11.92 0.65 -15.31
C GLU A 320 -11.91 -0.29 -14.10
N ILE A 321 -12.57 0.13 -13.03
CA ILE A 321 -12.75 -0.71 -11.84
C ILE A 321 -14.20 -0.64 -11.34
N PRO A 322 -14.68 -1.74 -10.71
CA PRO A 322 -16.04 -1.74 -10.18
C PRO A 322 -16.10 -0.93 -8.90
N VAL A 323 -17.28 -0.40 -8.59
CA VAL A 323 -17.50 0.29 -7.33
C VAL A 323 -18.70 -0.35 -6.65
N LEU A 324 -18.72 -0.34 -5.33
CA LEU A 324 -19.77 -1.02 -4.59
C LEU A 324 -20.96 -0.11 -4.22
N THR A 325 -21.04 1.06 -4.86
CA THR A 325 -22.24 1.89 -4.83
C THR A 325 -22.26 2.76 -6.07
N ARG A 326 -23.38 3.41 -6.32
CA ARG A 326 -23.58 4.20 -7.52
C ARG A 326 -22.36 5.07 -7.79
N SER A 327 -21.81 4.95 -9.00
CA SER A 327 -20.67 5.75 -9.44
C SER A 327 -20.83 7.27 -9.22
N GLU A 328 -22.03 7.80 -9.43
CA GLU A 328 -22.28 9.24 -9.28
C GLU A 328 -21.95 9.70 -7.86
N THR A 329 -22.36 8.90 -6.90
CA THR A 329 -22.12 9.15 -5.49
C THR A 329 -20.62 9.23 -5.24
N VAL A 330 -19.92 8.16 -5.63
CA VAL A 330 -18.48 8.01 -5.47
C VAL A 330 -17.74 9.19 -6.03
N LEU A 331 -18.12 9.60 -7.24
CA LEU A 331 -17.41 10.69 -7.92
C LEU A 331 -17.64 12.03 -7.22
N ALA A 332 -18.89 12.27 -6.87
CA ALA A 332 -19.27 13.48 -6.14
C ALA A 332 -18.44 13.59 -4.86
N ALA A 333 -18.54 12.55 -4.04
CA ALA A 333 -17.81 12.47 -2.77
C ALA A 333 -16.30 12.68 -2.94
N TYR A 334 -15.72 12.13 -4.02
CA TYR A 334 -14.29 12.32 -4.26
C TYR A 334 -13.97 13.77 -4.59
N LYS A 335 -14.86 14.43 -5.33
CA LYS A 335 -14.63 15.84 -5.64
C LYS A 335 -14.68 16.71 -4.39
N ARG A 336 -15.62 16.41 -3.50
CA ARG A 336 -15.61 17.08 -2.20
C ARG A 336 -14.25 16.85 -1.51
N LEU A 337 -13.81 15.60 -1.41
CA LEU A 337 -12.48 15.29 -0.84
C LEU A 337 -11.37 16.17 -1.44
N ARG A 338 -11.25 16.14 -2.76
CA ARG A 338 -10.19 16.88 -3.44
C ARG A 338 -10.28 18.39 -3.25
N GLU A 339 -11.49 18.89 -2.97
CA GLU A 339 -11.66 20.34 -2.86
C GLU A 339 -11.54 20.91 -1.45
N SER A 340 -11.64 20.04 -0.45
CA SER A 340 -11.47 20.48 0.93
C SER A 340 -10.06 21.03 1.09
N GLY A 341 -9.83 21.83 2.12
CA GLY A 341 -8.49 22.32 2.39
C GLY A 341 -7.51 21.19 2.67
N GLN A 342 -7.98 20.22 3.46
CA GLN A 342 -7.16 19.08 3.81
C GLN A 342 -6.84 18.24 2.58
N GLY A 343 -7.77 18.20 1.62
CA GLY A 343 -7.55 17.44 0.41
C GLY A 343 -6.48 18.06 -0.46
N LYS A 344 -6.44 19.39 -0.53
CA LYS A 344 -5.42 20.12 -1.28
C LYS A 344 -4.06 19.98 -0.59
N LEU A 345 -4.08 19.82 0.73
CA LEU A 345 -2.85 19.56 1.46
C LEU A 345 -2.33 18.14 1.17
N TRP A 346 -3.23 17.17 1.21
CA TRP A 346 -2.91 15.77 0.95
C TRP A 346 -2.42 15.54 -0.46
N HIS A 347 -2.90 16.35 -1.39
CA HIS A 347 -2.61 16.15 -2.80
C HIS A 347 -1.11 16.10 -3.11
N GLY A 348 -0.66 14.97 -3.63
CA GLY A 348 0.69 14.86 -4.18
C GLY A 348 1.76 14.65 -3.14
N MET A 349 1.35 14.35 -1.91
CA MET A 349 2.29 14.06 -0.83
C MET A 349 3.17 12.90 -1.21
N SER A 350 4.36 12.86 -0.61
CA SER A 350 5.21 11.67 -0.67
C SER A 350 4.61 10.65 0.28
N ILE A 351 5.00 9.39 0.13
CA ILE A 351 4.50 8.36 1.05
C ILE A 351 4.89 8.67 2.51
N ASP A 352 6.06 9.28 2.71
CA ASP A 352 6.58 9.59 4.04
C ASP A 352 5.74 10.62 4.73
N ASP A 353 5.44 11.67 3.98
CA ASP A 353 4.63 12.76 4.51
C ASP A 353 3.20 12.33 4.74
N PHE A 354 2.61 11.64 3.75
CA PHE A 354 1.28 11.09 3.93
C PHE A 354 1.21 10.25 5.20
N SER A 355 2.17 9.34 5.35
CA SER A 355 2.25 8.50 6.53
C SER A 355 2.22 9.32 7.80
N SER A 356 3.13 10.27 7.94
CA SER A 356 3.28 10.91 9.25
C SER A 356 2.16 11.89 9.52
N GLU A 357 1.63 12.46 8.44
CA GLU A 357 0.51 13.38 8.52
C GLU A 357 -0.78 12.66 8.92
N THR A 358 -1.02 11.46 8.40
CA THR A 358 -2.38 10.91 8.44
C THR A 358 -2.54 9.49 9.04
N ARG A 359 -1.46 8.73 9.10
CA ARG A 359 -1.60 7.30 9.37
C ARG A 359 -2.22 6.88 10.72
N LEU A 360 -1.71 7.40 11.83
CA LEU A 360 -2.24 6.99 13.14
C LEU A 360 -3.70 7.38 13.38
N LEU A 361 -4.09 8.49 12.75
CA LEU A 361 -5.46 9.00 12.87
C LEU A 361 -6.41 8.14 12.06
N LEU A 362 -5.96 7.72 10.89
CA LEU A 362 -6.73 6.88 10.00
C LEU A 362 -6.88 5.50 10.64
N ARG A 363 -5.81 5.05 11.29
CA ARG A 363 -5.81 3.83 12.09
C ARG A 363 -6.85 3.87 13.21
N ASP A 364 -6.79 4.90 14.04
CA ASP A 364 -7.75 5.00 15.15
C ASP A 364 -9.20 5.25 14.71
N THR A 365 -9.36 5.99 13.61
CA THR A 365 -10.69 6.28 13.12
C THR A 365 -11.29 5.00 12.60
N VAL A 366 -10.57 4.30 11.74
CA VAL A 366 -11.08 3.06 11.20
C VAL A 366 -11.34 2.07 12.32
N PHE A 367 -10.46 2.03 13.32
CA PHE A 367 -10.70 1.13 14.43
C PHE A 367 -12.04 1.46 15.10
N ASN A 368 -12.28 2.74 15.41
CA ASN A 368 -13.53 3.13 16.10
C ASN A 368 -14.80 2.94 15.27
N LEU A 369 -14.73 3.22 13.97
CA LEU A 369 -15.84 3.01 13.05
C LEU A 369 -16.42 1.58 13.01
N PHE A 370 -15.57 0.56 12.92
CA PHE A 370 -16.10 -0.78 12.67
C PHE A 370 -15.94 -1.78 13.80
N GLU A 371 -15.59 -1.31 14.99
CA GLU A 371 -15.14 -2.24 16.04
C GLU A 371 -16.16 -3.30 16.42
N ASP A 372 -17.43 -2.97 16.36
CA ASP A 372 -18.45 -3.93 16.75
C ASP A 372 -19.20 -4.55 15.56
N VAL A 373 -18.65 -4.42 14.37
CA VAL A 373 -19.24 -5.11 13.23
C VAL A 373 -18.19 -5.97 12.50
N TRP A 374 -16.91 -5.67 12.74
CA TRP A 374 -15.81 -6.36 12.12
C TRP A 374 -15.76 -7.78 12.66
N PRO A 375 -15.45 -8.77 11.76
CA PRO A 375 -15.29 -10.17 12.17
C PRO A 375 -14.36 -10.27 13.37
N LYS A 376 -14.71 -11.08 14.34
CA LYS A 376 -14.02 -11.12 15.63
C LYS A 376 -12.64 -11.76 15.54
N GLU A 377 -12.35 -12.42 14.43
CA GLU A 377 -11.05 -13.07 14.25
C GLU A 377 -9.91 -12.06 14.18
N GLU A 378 -10.18 -10.87 13.63
CA GLU A 378 -9.16 -9.84 13.48
C GLU A 378 -9.64 -8.46 13.97
N LEU A 379 -8.76 -7.46 13.95
CA LEU A 379 -9.18 -6.09 14.20
C LEU A 379 -9.36 -5.33 12.89
N PRO A 380 -10.23 -4.30 12.90
CA PRO A 380 -10.48 -3.49 11.71
C PRO A 380 -9.29 -2.65 11.29
N LYS A 381 -8.73 -2.93 10.12
CA LYS A 381 -7.58 -2.18 9.62
C LYS A 381 -7.89 -1.56 8.26
N PRO A 382 -7.38 -0.34 7.99
CA PRO A 382 -7.77 0.29 6.71
C PRO A 382 -7.73 -0.62 5.46
N TYR A 383 -6.72 -1.49 5.34
CA TYR A 383 -6.54 -2.32 4.12
C TYR A 383 -7.59 -3.44 3.96
N GLY A 384 -8.18 -3.81 5.08
CA GLY A 384 -9.33 -4.69 5.12
C GLY A 384 -10.41 -4.24 4.16
N LEU A 385 -10.60 -2.94 4.01
CA LEU A 385 -11.60 -2.47 3.06
C LEU A 385 -11.26 -2.87 1.62
N ARG A 386 -9.96 -2.88 1.28
CA ARG A 386 -9.48 -3.28 -0.05
C ARG A 386 -9.67 -4.81 -0.28
N HIS A 387 -9.25 -5.61 0.70
CA HIS A 387 -9.55 -7.04 0.74
C HIS A 387 -11.05 -7.36 0.54
N LEU A 388 -11.88 -6.77 1.42
CA LEU A 388 -13.33 -6.98 1.38
C LEU A 388 -13.89 -6.57 0.04
N TYR A 389 -13.42 -5.42 -0.46
CA TYR A 389 -13.82 -4.89 -1.76
C TYR A 389 -13.66 -5.92 -2.84
N ALA A 390 -12.51 -6.60 -2.86
CA ALA A 390 -12.24 -7.54 -3.93
C ALA A 390 -13.17 -8.73 -3.83
N GLU A 391 -13.27 -9.34 -2.63
CA GLU A 391 -14.28 -10.41 -2.41
C GLU A 391 -15.70 -10.01 -2.90
N VAL A 392 -16.11 -8.78 -2.58
CA VAL A 392 -17.48 -8.38 -2.82
C VAL A 392 -17.66 -8.15 -4.30
N ALA A 393 -16.69 -7.47 -4.91
CA ALA A 393 -16.78 -7.16 -6.34
C ALA A 393 -16.74 -8.45 -7.16
N TYR A 394 -15.95 -9.43 -6.72
CA TYR A 394 -15.89 -10.70 -7.41
C TYR A 394 -17.27 -11.33 -7.32
N HIS A 395 -17.76 -11.49 -6.09
CA HIS A 395 -19.11 -12.05 -5.85
C HIS A 395 -20.23 -11.38 -6.66
N ASN A 396 -20.11 -10.08 -6.94
CA ASN A 396 -21.17 -9.40 -7.69
C ASN A 396 -20.98 -9.18 -9.20
N PHE A 397 -19.75 -9.32 -9.71
CA PHE A 397 -19.43 -8.68 -11.00
C PHE A 397 -18.58 -9.57 -11.91
N ALA A 398 -17.91 -10.55 -11.33
CA ALA A 398 -17.03 -11.42 -12.12
C ALA A 398 -17.75 -12.14 -13.24
N PRO A 399 -17.34 -11.87 -14.48
CA PRO A 399 -17.90 -12.61 -15.62
C PRO A 399 -17.38 -14.06 -15.52
N PRO A 400 -18.02 -14.98 -16.24
CA PRO A 400 -17.86 -16.38 -15.81
C PRO A 400 -16.64 -17.12 -16.38
N HIS A 401 -15.94 -16.50 -17.32
CA HIS A 401 -14.84 -17.13 -18.02
C HIS A 401 -13.52 -16.69 -17.43
N VAL A 402 -13.59 -16.03 -16.28
CA VAL A 402 -12.41 -15.48 -15.62
C VAL A 402 -12.26 -16.17 -14.27
N THR A 403 -11.03 -16.40 -13.81
CA THR A 403 -10.87 -16.99 -12.47
C THR A 403 -10.86 -15.91 -11.38
N LYS A 404 -10.96 -16.34 -10.12
CA LYS A 404 -10.89 -15.40 -9.01
C LYS A 404 -9.54 -14.65 -9.05
N ASN A 405 -8.45 -15.38 -9.31
CA ASN A 405 -7.07 -14.84 -9.34
C ASN A 405 -6.95 -13.76 -10.41
N SER A 406 -7.38 -14.11 -11.61
CA SER A 406 -7.28 -13.18 -12.70
C SER A 406 -8.18 -11.95 -12.42
N TYR A 407 -9.38 -12.18 -11.87
CA TYR A 407 -10.30 -11.05 -11.61
C TYR A 407 -9.78 -10.05 -10.56
N PHE A 408 -9.36 -10.55 -9.40
CA PHE A 408 -8.69 -9.73 -8.42
C PHE A 408 -7.54 -8.94 -9.03
N ALA A 409 -6.64 -9.65 -9.66
CA ALA A 409 -5.45 -9.01 -10.21
C ALA A 409 -5.81 -7.92 -11.24
N ALA A 410 -6.85 -8.16 -12.03
CA ALA A 410 -7.42 -7.11 -12.81
C ALA A 410 -7.91 -5.89 -11.97
N ILE A 411 -8.90 -6.07 -11.10
CA ILE A 411 -9.46 -4.91 -10.39
C ILE A 411 -8.47 -4.23 -9.45
N LEU A 412 -7.50 -4.99 -8.93
CA LEU A 412 -6.48 -4.45 -8.04
C LEU A 412 -5.25 -3.76 -8.72
N GLY A 413 -5.20 -3.80 -10.06
CA GLY A 413 -4.18 -3.12 -10.82
C GLY A 413 -2.84 -3.84 -10.81
N HIS A 414 -2.85 -5.13 -10.48
CA HIS A 414 -1.65 -5.96 -10.56
C HIS A 414 -1.03 -6.09 -11.97
N ASN A 415 0.25 -6.44 -12.02
CA ASN A 415 0.91 -6.62 -13.31
C ASN A 415 0.29 -7.68 -14.22
N ASN A 416 0.48 -7.54 -15.52
CA ASN A 416 0.11 -8.62 -16.44
C ASN A 416 0.85 -9.90 -16.11
N ASN A 417 0.12 -11.01 -16.11
CA ASN A 417 0.69 -12.31 -15.84
C ASN A 417 1.07 -12.41 -14.38
N ASP A 418 0.76 -11.37 -13.62
CA ASP A 418 0.82 -11.51 -12.17
C ASP A 418 -0.50 -12.07 -11.59
N LEU A 419 -0.50 -13.38 -11.37
CA LEU A 419 -1.57 -14.05 -10.66
C LEU A 419 -1.24 -14.37 -9.19
N GLU A 420 0.00 -14.14 -8.80
CA GLU A 420 0.47 -14.49 -7.46
C GLU A 420 0.19 -13.42 -6.37
N THR A 421 0.31 -12.14 -6.73
CA THR A 421 0.00 -11.13 -5.73
C THR A 421 -1.47 -11.30 -5.25
N SER A 422 -2.35 -11.76 -6.15
CA SER A 422 -3.76 -11.95 -5.84
C SER A 422 -3.99 -12.94 -4.67
N LEU A 423 -3.11 -13.90 -4.47
CA LEU A 423 -3.21 -14.81 -3.29
C LEU A 423 -3.34 -14.06 -1.95
N SER A 424 -2.63 -12.94 -1.83
CA SER A 424 -2.65 -12.13 -0.60
C SER A 424 -4.03 -11.64 -0.15
N PTR A 425 -4.99 -11.57 -1.07
CA PTR A 425 -6.27 -10.91 -0.85
C PTR A 425 -7.46 -11.85 -0.52
O PTR A 425 -8.57 -11.51 -0.05
CB PTR A 425 -6.68 -10.01 -2.06
CG PTR A 425 -5.78 -8.82 -2.08
CD1 PTR A 425 -6.02 -7.73 -1.19
CD2 PTR A 425 -4.64 -8.80 -2.94
CE1 PTR A 425 -5.17 -6.61 -1.17
CE2 PTR A 425 -3.78 -7.68 -2.95
CZ PTR A 425 -4.06 -6.58 -2.06
OH PTR A 425 -3.27 -5.44 -2.05
P PTR A 425 -1.86 -5.18 -2.83
O1P PTR A 425 -1.21 -3.97 -2.34
O2P PTR A 425 -2.27 -5.01 -4.38
N MET A 426 -7.20 -13.12 -0.78
CA MET A 426 -8.16 -14.14 -0.42
C MET A 426 -8.12 -14.32 1.08
N THR A 427 -9.02 -13.59 1.74
CA THR A 427 -9.01 -13.47 3.18
C THR A 427 -10.34 -13.86 3.83
N TYR A 428 -11.45 -13.38 3.25
CA TYR A 428 -12.80 -13.55 3.79
C TYR A 428 -13.68 -14.48 2.97
N THR A 429 -14.68 -15.05 3.64
CA THR A 429 -15.74 -15.70 2.92
C THR A 429 -17.07 -15.05 3.32
N LEU A 430 -17.85 -14.68 2.31
CA LEU A 430 -19.18 -14.10 2.50
C LEU A 430 -20.15 -15.10 3.04
N PRO A 431 -20.97 -14.69 4.01
CA PRO A 431 -21.95 -15.58 4.65
C PRO A 431 -22.92 -16.23 3.66
N GLU A 432 -23.20 -15.61 2.51
CA GLU A 432 -24.05 -16.26 1.50
C GLU A 432 -23.37 -17.44 0.86
N ASP A 433 -22.11 -17.26 0.47
CA ASP A 433 -21.28 -18.34 -0.05
C ASP A 433 -21.18 -19.43 0.99
N ARG A 434 -20.86 -19.05 2.22
CA ARG A 434 -20.74 -20.01 3.32
C ARG A 434 -22.05 -20.79 3.53
N ASP A 435 -23.19 -20.11 3.41
CA ASP A 435 -24.48 -20.78 3.56
C ASP A 435 -24.70 -21.85 2.52
N ASN A 436 -24.55 -21.48 1.25
CA ASN A 436 -24.99 -22.40 0.21
C ASN A 436 -23.95 -23.43 -0.23
N ALA A 437 -22.70 -23.23 0.17
CA ALA A 437 -21.71 -24.29 0.06
C ALA A 437 -21.99 -25.30 1.16
N LEU A 438 -22.60 -24.84 2.24
CA LEU A 438 -23.04 -25.75 3.29
C LEU A 438 -24.29 -26.49 2.88
N ALA A 439 -24.92 -26.02 1.80
CA ALA A 439 -26.15 -26.65 1.32
C ALA A 439 -25.87 -27.86 0.42
N ARG A 440 -24.97 -28.73 0.87
CA ARG A 440 -24.67 -30.00 0.17
C ARG A 440 -25.22 -31.19 0.95
N LEU A 441 -25.99 -32.04 0.25
CA LEU A 441 -26.88 -33.04 0.87
C LEU A 441 -27.69 -32.41 1.99
C1 GOL D . -6.14 -8.30 6.88
O1 GOL D . -6.36 -6.93 6.56
C2 GOL D . -5.08 -9.00 6.00
O2 GOL D . -5.66 -10.11 5.38
C3 GOL D . -3.84 -9.48 6.78
O3 GOL D . -2.76 -9.94 5.97
C1 GOL E . 7.62 -11.51 5.71
O1 GOL E . 8.60 -12.21 4.99
C2 GOL E . 6.20 -12.04 5.47
O2 GOL E . 5.97 -13.06 6.42
C3 GOL E . 5.12 -10.98 5.64
O3 GOL E . 3.79 -11.52 5.56
C1 GOL F . -4.76 -10.49 -14.33
O1 GOL F . -4.14 -9.25 -14.04
C2 GOL F . -3.74 -11.52 -14.83
O2 GOL F . -2.50 -10.87 -15.05
C3 GOL F . -4.20 -12.19 -16.13
O3 GOL F . -5.01 -13.33 -15.90
C1 GOL G . 29.12 13.64 9.65
O1 GOL G . 28.21 14.60 10.16
C2 GOL G . 30.11 13.20 10.73
O2 GOL G . 29.50 12.33 11.67
C3 GOL G . 31.31 12.48 10.12
O3 GOL G . 32.34 12.40 11.08
O5' TMP H . 8.47 -11.82 -0.24
C5' TMP H . 7.82 -11.66 -1.54
C4' TMP H . 7.43 -10.22 -1.90
O4' TMP H . 8.58 -9.37 -1.84
C3' TMP H . 6.89 -10.00 -3.32
O3' TMP H . 5.46 -10.07 -3.34
C2' TMP H . 7.34 -8.60 -3.71
C1' TMP H . 8.47 -8.27 -2.73
N1 TMP H . 9.84 -8.09 -3.32
C2 TMP H . 10.16 -7.12 -4.26
O2 TMP H . 9.36 -6.30 -4.70
N3 TMP H . 11.47 -7.12 -4.68
C4 TMP H . 12.46 -7.99 -4.27
O4 TMP H . 13.59 -7.93 -4.71
C5 TMP H . 12.05 -8.98 -3.29
C5M TMP H . 12.98 -9.99 -2.72
C6 TMP H . 10.79 -8.97 -2.87
#